data_7EKR
#
_entry.id   7EKR
#
_cell.length_a   82.944
_cell.length_b   82.944
_cell.length_c   197.638
_cell.angle_alpha   90.000
_cell.angle_beta   90.000
_cell.angle_gamma   90.000
#
_symmetry.space_group_name_H-M   'P 41 21 2'
#
loop_
_entity.id
_entity.type
_entity.pdbx_description
1 polymer 'Orange carotenoid protein'
2 non-polymer "beta,beta-carotene-4,4'-dione"
3 water water
#
_entity_poly.entity_id   1
_entity_poly.type   'polypeptide(L)'
_entity_poly.pdbx_seq_one_letter_code
;MGGSHHHHHHGMASMTGGQQMGRDLYDDDDKDPSSRMPFTIDSARNIFPNTLSADAVPATIARFSQLSAEDQLALVWFAY
LEMGKTITIAAPGAASMVFAEKTMNEVRQMTPLEQTQVMCDLTNRADTPISRIYSTWSANIKLGFWYQLGQWMEDGSVAP
IPKGYQLSANASAVLEAIKKLEDGQQITVLRNCVVDMGFDTSKMGTYTKVAEPVVPPKEMSERTKVSIDGVTNPTVLSYM
DNLNANDFDVLINLFTPDGALQPPFQRPIVGKDAVLRFFKEECQNLKLLPEKGVSEPAQDGFTQIKITGKVQTPWFGAGV
GMNMAWRFLINPEGKIFFVAIDLLASPKELLNFVR
;
_entity_poly.pdbx_strand_id   A,B
#
# COMPACT_ATOMS: atom_id res chain seq x y z
N PHE A 39 -16.25 -8.63 24.71
CA PHE A 39 -15.57 -7.92 23.63
C PHE A 39 -14.05 -8.02 23.70
N THR A 40 -13.43 -8.00 22.53
CA THR A 40 -12.00 -7.79 22.33
C THR A 40 -11.84 -6.53 21.50
N ILE A 41 -10.62 -5.99 21.44
CA ILE A 41 -10.38 -4.85 20.56
C ILE A 41 -10.75 -5.22 19.13
N ASP A 42 -10.39 -6.44 18.71
CA ASP A 42 -10.67 -6.87 17.34
C ASP A 42 -12.15 -6.94 17.07
N SER A 43 -12.95 -7.40 18.03
CA SER A 43 -14.39 -7.41 17.77
C SER A 43 -14.99 -6.02 17.98
N ALA A 44 -14.41 -5.20 18.87
CA ALA A 44 -14.88 -3.82 19.00
C ALA A 44 -14.72 -3.05 17.70
N ARG A 45 -13.70 -3.37 16.90
CA ARG A 45 -13.43 -2.68 15.63
C ARG A 45 -14.62 -2.69 14.67
N ASN A 46 -15.52 -3.65 14.79
CA ASN A 46 -16.52 -3.90 13.75
C ASN A 46 -17.86 -3.24 14.03
N ILE A 47 -17.98 -2.45 15.11
CA ILE A 47 -19.29 -1.84 15.41
C ILE A 47 -19.68 -0.87 14.28
N PHE A 48 -20.99 -0.74 14.08
CA PHE A 48 -21.56 0.03 12.97
C PHE A 48 -20.87 -0.28 11.63
N PRO A 49 -20.92 -1.54 11.17
CA PRO A 49 -20.15 -1.94 9.99
C PRO A 49 -20.63 -1.34 8.67
N ASN A 50 -21.75 -0.63 8.62
CA ASN A 50 -22.16 0.02 7.37
C ASN A 50 -21.57 1.40 7.23
N THR A 51 -20.70 1.81 8.15
CA THR A 51 -20.01 3.09 8.04
C THR A 51 -19.05 3.03 6.87
N LEU A 52 -19.20 3.95 5.94
CA LEU A 52 -18.44 3.89 4.68
C LEU A 52 -17.30 4.89 4.77
N SER A 53 -16.09 4.38 5.02
CA SER A 53 -14.94 5.26 5.12
C SER A 53 -14.34 5.50 3.72
N ALA A 54 -13.45 6.49 3.65
CA ALA A 54 -12.95 6.99 2.38
C ALA A 54 -11.73 6.19 1.93
N ASP A 55 -11.98 4.93 1.56
CA ASP A 55 -10.81 4.12 1.21
C ASP A 55 -10.21 4.50 -0.15
N ALA A 56 -10.79 5.48 -0.86
CA ALA A 56 -10.05 6.14 -1.94
C ALA A 56 -8.72 6.72 -1.46
N VAL A 57 -8.60 7.02 -0.17
CA VAL A 57 -7.36 7.64 0.32
C VAL A 57 -6.22 6.62 0.27
N PRO A 58 -6.28 5.47 0.96
CA PRO A 58 -5.18 4.49 0.81
C PRO A 58 -5.03 3.93 -0.60
N ALA A 59 -6.13 3.81 -1.35
CA ALA A 59 -6.05 3.43 -2.76
C ALA A 59 -5.15 4.39 -3.55
N THR A 60 -5.40 5.69 -3.41
CA THR A 60 -4.61 6.67 -4.13
C THR A 60 -3.15 6.65 -3.70
N ILE A 61 -2.91 6.54 -2.40
CA ILE A 61 -1.53 6.47 -1.90
C ILE A 61 -0.79 5.28 -2.51
N ALA A 62 -1.49 4.14 -2.68
CA ALA A 62 -0.80 2.99 -3.25
C ALA A 62 -0.44 3.21 -4.71
N ARG A 63 -1.28 3.93 -5.47
CA ARG A 63 -0.93 4.27 -6.83
C ARG A 63 0.26 5.21 -6.85
N PHE A 64 0.25 6.18 -5.96
CA PHE A 64 1.36 7.12 -5.79
C PHE A 64 2.67 6.37 -5.52
N SER A 65 2.61 5.30 -4.74
CA SER A 65 3.81 4.56 -4.38
C SER A 65 4.44 3.82 -5.55
N GLN A 66 3.73 3.66 -6.67
CA GLN A 66 4.29 2.99 -7.84
C GLN A 66 5.21 3.89 -8.67
N LEU A 67 5.15 5.21 -8.48
CA LEU A 67 5.84 6.13 -9.37
C LEU A 67 7.29 6.36 -8.94
N SER A 68 8.05 6.94 -9.86
CA SER A 68 9.44 7.31 -9.59
C SER A 68 9.49 8.42 -8.53
N ALA A 69 10.65 8.52 -7.87
CA ALA A 69 10.80 9.54 -6.86
C ALA A 69 10.58 10.93 -7.44
N GLU A 70 11.09 11.16 -8.64
CA GLU A 70 10.97 12.47 -9.27
C GLU A 70 9.52 12.75 -9.66
N ASP A 71 8.82 11.74 -10.17
CA ASP A 71 7.40 11.91 -10.47
C ASP A 71 6.60 12.16 -9.21
N GLN A 72 6.95 11.47 -8.12
CA GLN A 72 6.26 11.68 -6.86
C GLN A 72 6.42 13.12 -6.38
N LEU A 73 7.65 13.63 -6.37
CA LEU A 73 7.87 15.02 -5.96
C LEU A 73 7.13 16.00 -6.86
N ALA A 74 7.14 15.76 -8.17
CA ALA A 74 6.50 16.70 -9.09
C ALA A 74 4.98 16.63 -8.99
N LEU A 75 4.42 15.43 -8.85
CA LEU A 75 2.98 15.27 -8.67
C LEU A 75 2.49 16.06 -7.46
N VAL A 76 3.17 15.90 -6.32
CA VAL A 76 2.73 16.60 -5.12
C VAL A 76 2.85 18.11 -5.30
N TRP A 77 3.96 18.57 -5.90
CA TRP A 77 4.11 20.00 -6.18
C TRP A 77 2.93 20.52 -6.97
N PHE A 78 2.57 19.83 -8.06
CA PHE A 78 1.44 20.29 -8.88
C PHE A 78 0.13 20.20 -8.11
N ALA A 79 -0.07 19.17 -7.28
CA ALA A 79 -1.30 19.09 -6.50
C ALA A 79 -1.35 20.20 -5.46
N TYR A 80 -0.20 20.49 -4.84
CA TYR A 80 -0.09 21.52 -3.82
C TYR A 80 -0.41 22.90 -4.38
N LEU A 81 0.21 23.23 -5.51
CA LEU A 81 -0.03 24.51 -6.19
C LEU A 81 -1.50 24.67 -6.51
N GLU A 82 -2.13 23.62 -7.05
CA GLU A 82 -3.54 23.69 -7.38
C GLU A 82 -4.40 23.93 -6.15
N MET A 83 -4.12 23.19 -5.07
CA MET A 83 -4.87 23.39 -3.83
C MET A 83 -4.71 24.81 -3.31
N GLY A 84 -3.51 25.39 -3.42
CA GLY A 84 -3.26 26.73 -2.92
C GLY A 84 -4.04 27.82 -3.63
N LYS A 85 -4.67 27.51 -4.76
CA LYS A 85 -5.52 28.49 -5.43
C LYS A 85 -6.74 28.85 -4.58
N THR A 86 -7.17 27.95 -3.70
CA THR A 86 -8.46 28.11 -3.02
C THR A 86 -8.35 28.01 -1.50
N ILE A 87 -7.37 27.27 -0.99
CA ILE A 87 -7.17 27.19 0.45
C ILE A 87 -5.71 27.45 0.77
N THR A 88 -5.46 27.96 1.98
CA THR A 88 -4.14 28.39 2.37
C THR A 88 -3.73 27.70 3.67
N ILE A 89 -2.55 27.10 3.67
CA ILE A 89 -2.00 26.49 4.87
C ILE A 89 -1.62 27.57 5.88
N ALA A 90 -2.03 27.37 7.13
CA ALA A 90 -1.56 28.20 8.22
C ALA A 90 -0.18 27.71 8.64
N ALA A 91 0.85 28.53 8.46
CA ALA A 91 2.20 28.13 8.81
C ALA A 91 2.29 27.79 10.30
N PRO A 92 3.08 26.80 10.67
CA PRO A 92 3.25 26.49 12.09
C PRO A 92 4.14 27.52 12.77
N GLY A 93 3.94 27.67 14.08
CA GLY A 93 4.85 28.51 14.85
C GLY A 93 6.26 27.97 14.80
N ALA A 94 7.23 28.88 14.92
CA ALA A 94 8.62 28.42 14.99
C ALA A 94 8.87 27.58 16.24
N ALA A 95 8.07 27.79 17.30
CA ALA A 95 8.25 26.98 18.52
C ALA A 95 8.00 25.51 18.27
N SER A 96 7.17 25.17 17.29
CA SER A 96 6.90 23.76 17.06
C SER A 96 7.93 23.12 16.13
N MET A 97 8.82 23.90 15.51
CA MET A 97 9.78 23.37 14.56
C MET A 97 11.21 23.32 15.10
N VAL A 98 11.41 23.47 16.41
CA VAL A 98 12.78 23.57 16.93
C VAL A 98 13.60 22.32 16.63
N PHE A 99 12.97 21.15 16.53
CA PHE A 99 13.74 19.96 16.25
C PHE A 99 14.14 19.82 14.79
N ALA A 100 13.51 20.58 13.88
CA ALA A 100 13.79 20.51 12.46
C ALA A 100 14.60 21.70 11.94
N GLU A 101 14.75 22.74 12.76
CA GLU A 101 15.28 24.02 12.28
C GLU A 101 16.68 23.87 11.69
N LYS A 102 17.56 23.12 12.36
CA LYS A 102 18.94 23.02 11.88
C LYS A 102 19.02 22.25 10.57
N THR A 103 18.30 21.13 10.45
CA THR A 103 18.27 20.41 9.18
C THR A 103 17.67 21.28 8.07
N MET A 104 16.65 22.08 8.39
CA MET A 104 16.06 22.92 7.34
C MET A 104 17.06 23.93 6.83
N ASN A 105 17.78 24.59 7.72
CA ASN A 105 18.78 25.55 7.24
C ASN A 105 19.90 24.84 6.49
N GLU A 106 20.27 23.63 6.90
CA GLU A 106 21.25 22.87 6.14
C GLU A 106 20.77 22.64 4.72
N VAL A 107 19.50 22.26 4.55
CA VAL A 107 18.99 22.00 3.21
C VAL A 107 19.03 23.28 2.38
N ARG A 108 18.63 24.40 2.97
CA ARG A 108 18.59 25.66 2.22
C ARG A 108 19.98 26.04 1.69
N GLN A 109 21.02 25.86 2.50
CA GLN A 109 22.39 26.21 2.12
C GLN A 109 23.03 25.23 1.14
N MET A 110 22.48 24.03 1.00
CA MET A 110 22.94 23.08 -0.01
C MET A 110 22.79 23.64 -1.43
N THR A 111 23.61 23.11 -2.35
CA THR A 111 23.46 23.44 -3.77
C THR A 111 22.18 22.79 -4.33
N PRO A 112 21.68 23.31 -5.47
CA PRO A 112 20.45 22.74 -6.03
C PRO A 112 20.49 21.24 -6.20
N LEU A 113 21.61 20.69 -6.68
CA LEU A 113 21.65 19.26 -6.92
C LEU A 113 21.63 18.49 -5.61
N GLU A 114 22.26 19.02 -4.56
CA GLU A 114 22.17 18.37 -3.25
C GLU A 114 20.75 18.42 -2.71
N GLN A 115 20.06 19.56 -2.89
CA GLN A 115 18.69 19.68 -2.40
C GLN A 115 17.77 18.67 -3.07
N THR A 116 17.84 18.56 -4.40
CA THR A 116 17.02 17.57 -5.10
C THR A 116 17.31 16.16 -4.62
N GLN A 117 18.60 15.85 -4.39
CA GLN A 117 18.98 14.53 -3.89
C GLN A 117 18.39 14.26 -2.51
N VAL A 118 18.34 15.28 -1.65
CA VAL A 118 17.75 15.09 -0.32
C VAL A 118 16.26 14.77 -0.43
N MET A 119 15.52 15.53 -1.23
CA MET A 119 14.10 15.24 -1.40
C MET A 119 13.88 13.85 -2.01
N CYS A 120 14.72 13.45 -2.97
CA CYS A 120 14.60 12.11 -3.53
C CYS A 120 14.90 11.05 -2.47
N ASP A 121 15.96 11.26 -1.68
CA ASP A 121 16.29 10.32 -0.61
C ASP A 121 15.09 10.10 0.32
N LEU A 122 14.45 11.20 0.72
CA LEU A 122 13.27 11.10 1.60
C LEU A 122 12.16 10.32 0.93
N THR A 123 11.91 10.61 -0.36
CA THR A 123 10.84 9.98 -1.12
C THR A 123 11.08 8.49 -1.29
N ASN A 124 12.33 8.10 -1.55
CA ASN A 124 12.69 6.69 -1.68
C ASN A 124 12.91 6.01 -0.35
N ARG A 125 12.79 6.73 0.76
CA ARG A 125 13.04 6.18 2.08
C ARG A 125 14.46 5.61 2.17
N ALA A 126 15.41 6.32 1.56
CA ALA A 126 16.80 5.92 1.56
C ALA A 126 17.41 6.05 2.96
N ASP A 127 18.50 5.32 3.18
CA ASP A 127 19.24 5.40 4.45
C ASP A 127 20.33 6.46 4.31
N THR A 128 20.03 7.67 4.73
CA THR A 128 20.96 8.80 4.79
C THR A 128 20.80 9.42 6.17
N PRO A 129 21.76 10.23 6.61
CA PRO A 129 21.57 10.91 7.90
C PRO A 129 20.29 11.74 7.95
N ILE A 130 20.02 12.56 6.93
CA ILE A 130 18.82 13.41 6.96
C ILE A 130 17.58 12.55 6.96
N SER A 131 17.59 11.45 6.20
CA SER A 131 16.42 10.59 6.13
C SER A 131 16.15 9.88 7.44
N ARG A 132 17.19 9.53 8.19
CA ARG A 132 16.96 8.93 9.51
C ARG A 132 16.40 9.96 10.50
N ILE A 133 17.00 11.16 10.54
CA ILE A 133 16.52 12.20 11.44
C ILE A 133 15.05 12.50 11.18
N TYR A 134 14.68 12.58 9.89
CA TYR A 134 13.31 12.85 9.49
C TYR A 134 12.34 11.84 10.09
N SER A 135 12.76 10.58 10.20
CA SER A 135 11.86 9.56 10.69
C SER A 135 11.66 9.62 12.20
N THR A 136 12.51 10.34 12.93
CA THR A 136 12.29 10.54 14.36
C THR A 136 11.26 11.61 14.65
N TRP A 137 10.82 12.36 13.63
CA TRP A 137 9.91 13.50 13.80
C TRP A 137 8.45 13.08 13.81
N SER A 138 7.66 13.75 14.64
CA SER A 138 6.23 13.61 14.58
C SER A 138 5.70 14.08 13.22
N ALA A 139 4.44 13.71 12.96
CA ALA A 139 3.81 14.04 11.70
C ALA A 139 3.77 15.56 11.47
N ASN A 140 3.47 16.34 12.51
CA ASN A 140 3.42 17.79 12.36
C ASN A 140 4.78 18.42 12.11
N ILE A 141 5.86 17.86 12.66
CA ILE A 141 7.19 18.38 12.33
C ILE A 141 7.54 18.07 10.88
N LYS A 142 7.23 16.85 10.42
CA LYS A 142 7.46 16.49 9.01
C LYS A 142 6.70 17.41 8.09
N LEU A 143 5.44 17.74 8.45
CA LEU A 143 4.64 18.60 7.59
C LEU A 143 5.22 20.01 7.55
N GLY A 144 5.66 20.53 8.70
CA GLY A 144 6.29 21.84 8.70
C GLY A 144 7.57 21.87 7.91
N PHE A 145 8.32 20.77 7.94
CA PHE A 145 9.54 20.67 7.14
C PHE A 145 9.21 20.83 5.66
N TRP A 146 8.18 20.12 5.18
CA TRP A 146 7.83 20.20 3.76
C TRP A 146 7.10 21.50 3.42
N TYR A 147 6.38 22.08 4.37
CA TYR A 147 5.84 23.41 4.15
C TYR A 147 6.95 24.43 3.92
N GLN A 148 8.02 24.35 4.71
CA GLN A 148 9.13 25.30 4.55
C GLN A 148 9.85 25.07 3.24
N LEU A 149 10.12 23.80 2.88
CA LEU A 149 10.73 23.52 1.59
C LEU A 149 9.86 24.08 0.47
N GLY A 150 8.54 23.87 0.54
CA GLY A 150 7.66 24.37 -0.49
C GLY A 150 7.67 25.89 -0.60
N GLN A 151 7.74 26.58 0.52
CA GLN A 151 7.91 28.04 0.49
C GLN A 151 9.22 28.41 -0.20
N TRP A 152 10.30 27.68 0.09
CA TRP A 152 11.60 28.01 -0.48
C TRP A 152 11.68 27.61 -1.95
N MET A 153 10.94 26.56 -2.34
CA MET A 153 10.83 26.23 -3.75
C MET A 153 10.09 27.31 -4.52
N GLU A 154 9.11 27.94 -3.88
CA GLU A 154 8.41 29.05 -4.53
C GLU A 154 9.31 30.27 -4.70
N ASP A 155 10.05 30.66 -3.66
CA ASP A 155 10.85 31.87 -3.83
C ASP A 155 12.21 31.61 -4.47
N GLY A 156 12.55 30.36 -4.79
CA GLY A 156 13.76 30.07 -5.51
C GLY A 156 14.96 29.68 -4.67
N SER A 157 14.77 29.48 -3.36
CA SER A 157 15.83 29.15 -2.42
C SER A 157 16.20 27.67 -2.46
N VAL A 158 15.22 26.82 -2.76
CA VAL A 158 15.41 25.38 -2.87
C VAL A 158 15.10 24.99 -4.30
N ALA A 159 15.86 24.02 -4.85
CA ALA A 159 15.74 23.53 -6.22
C ALA A 159 14.29 23.24 -6.62
N PRO A 160 13.73 24.00 -7.56
CA PRO A 160 12.31 23.83 -7.91
C PRO A 160 12.09 22.63 -8.82
N ILE A 161 10.82 22.34 -9.07
CA ILE A 161 10.49 21.33 -10.07
C ILE A 161 10.87 21.86 -11.44
N PRO A 162 11.68 21.14 -12.22
CA PRO A 162 12.15 21.65 -13.51
C PRO A 162 11.01 22.17 -14.36
N LYS A 163 11.20 23.36 -14.93
CA LYS A 163 10.16 23.92 -15.79
C LYS A 163 10.04 23.08 -17.05
N GLY A 164 8.80 22.82 -17.46
CA GLY A 164 8.57 21.85 -18.52
C GLY A 164 8.81 20.41 -18.12
N TYR A 165 8.65 20.08 -16.84
CA TYR A 165 8.70 18.69 -16.39
C TYR A 165 7.50 17.93 -16.95
N GLN A 166 7.73 16.70 -17.38
CA GLN A 166 6.66 15.86 -17.94
C GLN A 166 6.47 14.62 -17.07
N LEU A 167 5.32 14.55 -16.40
CA LEU A 167 4.94 13.34 -15.67
C LEU A 167 4.75 12.16 -16.63
N SER A 168 5.09 10.96 -16.14
CA SER A 168 4.69 9.75 -16.86
C SER A 168 3.16 9.64 -16.93
N ALA A 169 2.69 8.79 -17.84
CA ALA A 169 1.25 8.64 -18.02
C ALA A 169 0.58 8.19 -16.72
N ASN A 170 1.18 7.24 -16.01
CA ASN A 170 0.64 6.80 -14.72
C ASN A 170 0.65 7.94 -13.69
N ALA A 171 1.71 8.75 -13.66
CA ALA A 171 1.73 9.87 -12.72
C ALA A 171 0.70 10.93 -13.08
N SER A 172 0.50 11.17 -14.39
CA SER A 172 -0.54 12.11 -14.82
C SER A 172 -1.91 11.65 -14.36
N ALA A 173 -2.19 10.35 -14.45
CA ALA A 173 -3.48 9.84 -14.00
C ALA A 173 -3.66 10.00 -12.49
N VAL A 174 -2.58 9.80 -11.71
CA VAL A 174 -2.67 9.96 -10.27
C VAL A 174 -2.93 11.40 -9.91
N LEU A 175 -2.24 12.33 -10.58
CA LEU A 175 -2.42 13.75 -10.28
C LEU A 175 -3.87 14.16 -10.52
N GLU A 176 -4.42 13.79 -11.68
CA GLU A 176 -5.81 14.12 -11.96
C GLU A 176 -6.75 13.54 -10.91
N ALA A 177 -6.52 12.28 -10.52
CA ALA A 177 -7.33 11.66 -9.47
C ALA A 177 -7.26 12.45 -8.15
N ILE A 178 -6.06 12.91 -7.78
CA ILE A 178 -5.90 13.65 -6.52
C ILE A 178 -6.62 14.99 -6.59
N LYS A 179 -6.51 15.70 -7.71
CA LYS A 179 -7.22 16.96 -7.89
C LYS A 179 -8.73 16.78 -7.81
N LYS A 180 -9.23 15.58 -8.10
CA LYS A 180 -10.67 15.31 -8.09
C LYS A 180 -11.21 15.00 -6.70
N LEU A 181 -10.36 14.59 -5.77
CA LEU A 181 -10.83 14.25 -4.42
C LEU A 181 -11.36 15.48 -3.71
N GLU A 182 -12.38 15.28 -2.87
CA GLU A 182 -12.81 16.36 -1.98
C GLU A 182 -11.64 16.78 -1.08
N ASP A 183 -11.72 18.02 -0.60
CA ASP A 183 -10.60 18.63 0.10
C ASP A 183 -10.15 17.80 1.31
N GLY A 184 -11.11 17.29 2.09
CA GLY A 184 -10.74 16.50 3.26
C GLY A 184 -9.92 15.28 2.90
N GLN A 185 -10.26 14.63 1.78
CA GLN A 185 -9.48 13.48 1.33
C GLN A 185 -8.18 13.90 0.66
N GLN A 186 -8.14 15.06 -0.01
CA GLN A 186 -6.90 15.52 -0.64
C GLN A 186 -5.81 15.74 0.41
N ILE A 187 -6.10 16.53 1.45
CA ILE A 187 -5.08 16.80 2.45
C ILE A 187 -4.69 15.55 3.23
N THR A 188 -5.57 14.53 3.27
CA THR A 188 -5.19 13.30 3.95
C THR A 188 -4.22 12.49 3.09
N VAL A 189 -4.42 12.48 1.77
CA VAL A 189 -3.44 11.85 0.90
C VAL A 189 -2.09 12.56 1.04
N LEU A 190 -2.10 13.91 0.98
CA LEU A 190 -0.85 14.65 1.06
C LEU A 190 -0.16 14.40 2.39
N ARG A 191 -0.91 14.40 3.49
CA ARG A 191 -0.30 14.15 4.79
C ARG A 191 0.30 12.75 4.86
N ASN A 192 -0.46 11.76 4.39
CA ASN A 192 0.05 10.40 4.50
C ASN A 192 1.28 10.19 3.61
N CYS A 193 1.36 10.86 2.46
CA CYS A 193 2.60 10.81 1.68
C CYS A 193 3.77 11.39 2.46
N VAL A 194 3.59 12.57 3.06
CA VAL A 194 4.66 13.18 3.86
C VAL A 194 5.08 12.27 5.01
N VAL A 195 4.10 11.70 5.71
CA VAL A 195 4.39 10.94 6.92
C VAL A 195 5.20 9.68 6.60
N ASP A 196 4.94 9.04 5.45
CA ASP A 196 5.56 7.77 5.08
C ASP A 196 6.97 7.93 4.52
N MET A 197 7.43 9.15 4.29
CA MET A 197 8.79 9.37 3.82
C MET A 197 9.80 9.11 4.93
N GLY A 198 11.07 9.13 4.56
CA GLY A 198 12.14 8.89 5.50
C GLY A 198 12.44 7.40 5.66
N PHE A 199 13.59 7.14 6.28
CA PHE A 199 14.06 5.77 6.45
C PHE A 199 13.12 4.99 7.37
N ASP A 200 12.97 3.70 7.07
CA ASP A 200 12.05 2.83 7.81
C ASP A 200 12.34 2.86 9.30
N THR A 201 11.33 3.21 10.10
CA THR A 201 11.57 3.32 11.54
C THR A 201 11.93 1.98 12.16
N SER A 202 11.55 0.87 11.53
CA SER A 202 11.75 -0.43 12.15
C SER A 202 13.21 -0.80 12.32
N LYS A 203 14.12 -0.22 11.53
CA LYS A 203 15.51 -0.65 11.58
C LYS A 203 16.45 0.50 11.89
N MET A 204 15.98 1.49 12.64
CA MET A 204 16.89 2.33 13.43
C MET A 204 16.83 1.98 14.92
N GLY A 205 16.00 1.00 15.29
CA GLY A 205 16.03 0.42 16.61
C GLY A 205 15.51 1.31 17.71
N THR A 206 16.33 1.53 18.74
CA THR A 206 15.97 2.41 19.84
C THR A 206 16.36 3.84 19.48
N TYR A 207 15.36 4.71 19.44
CA TYR A 207 15.54 6.10 19.05
C TYR A 207 14.44 6.88 19.75
N THR A 208 14.73 8.14 20.07
CA THR A 208 13.70 8.98 20.68
C THR A 208 12.82 9.57 19.60
N LYS A 209 11.53 9.25 19.63
CA LYS A 209 10.59 9.98 18.81
C LYS A 209 10.40 11.38 19.39
N VAL A 210 10.30 12.36 18.51
CA VAL A 210 10.34 13.75 18.90
C VAL A 210 9.07 14.42 18.38
N ALA A 211 8.54 15.38 19.15
CA ALA A 211 7.28 15.99 18.77
C ALA A 211 7.29 17.45 19.18
N GLU A 212 6.24 18.16 18.78
CA GLU A 212 6.03 19.55 19.16
C GLU A 212 5.78 19.68 20.67
N PRO A 213 6.05 20.85 21.24
CA PRO A 213 5.79 21.04 22.67
C PRO A 213 4.33 20.75 23.01
N VAL A 214 4.12 20.20 24.20
CA VAL A 214 2.78 19.91 24.72
C VAL A 214 2.18 21.21 25.24
N VAL A 215 1.17 21.71 24.56
CA VAL A 215 0.57 23.01 24.93
C VAL A 215 -0.23 22.86 26.21
N PRO A 216 -0.27 23.86 27.09
CA PRO A 216 -1.08 23.72 28.30
C PRO A 216 -2.55 23.64 27.94
N PRO A 217 -3.36 22.95 28.73
CA PRO A 217 -4.79 22.90 28.46
C PRO A 217 -5.36 24.31 28.29
N LYS A 218 -6.41 24.39 27.47
CA LYS A 218 -6.99 25.67 27.10
C LYS A 218 -7.52 26.43 28.31
N GLU A 219 -7.31 27.74 28.27
CA GLU A 219 -7.87 28.65 29.27
C GLU A 219 -9.35 28.38 29.48
N MET A 220 -9.73 28.18 30.75
CA MET A 220 -11.09 27.76 31.08
C MET A 220 -12.13 28.69 30.50
N SER A 221 -11.90 30.00 30.57
CA SER A 221 -12.84 30.96 29.99
C SER A 221 -12.91 30.84 28.47
N GLU A 222 -11.90 30.23 27.84
CA GLU A 222 -11.82 30.12 26.39
C GLU A 222 -12.47 28.85 25.85
N ARG A 223 -12.98 27.97 26.69
CA ARG A 223 -13.45 26.69 26.21
C ARG A 223 -14.91 26.78 25.74
N THR A 224 -15.26 25.93 24.79
CA THR A 224 -16.63 25.75 24.37
C THR A 224 -17.16 24.39 24.79
N LYS A 225 -18.46 24.24 24.64
CA LYS A 225 -19.27 23.14 25.16
C LYS A 225 -19.99 22.52 23.96
N VAL A 226 -19.68 21.25 23.62
CA VAL A 226 -20.33 20.64 22.44
C VAL A 226 -21.74 20.21 22.81
N SER A 227 -22.60 20.20 21.80
CA SER A 227 -23.91 19.56 21.87
C SER A 227 -24.03 18.65 20.66
N ILE A 228 -24.72 17.53 20.85
CA ILE A 228 -24.86 16.53 19.79
C ILE A 228 -26.31 16.12 19.70
N ASP A 229 -26.93 16.40 18.56
CA ASP A 229 -28.32 16.02 18.31
C ASP A 229 -28.47 14.51 18.45
N GLY A 230 -29.20 14.07 19.47
CA GLY A 230 -29.46 12.67 19.69
C GLY A 230 -28.53 11.97 20.67
N VAL A 231 -27.47 12.61 21.13
CA VAL A 231 -26.52 11.95 22.04
C VAL A 231 -26.19 12.87 23.21
N THR A 232 -26.56 12.47 24.42
CA THR A 232 -26.20 13.20 25.62
C THR A 232 -25.32 12.38 26.56
N ASN A 233 -24.84 11.24 26.13
CA ASN A 233 -23.95 10.42 26.93
C ASN A 233 -22.77 11.26 27.46
N PRO A 234 -22.60 11.37 28.78
CA PRO A 234 -21.55 12.26 29.30
C PRO A 234 -20.12 11.84 28.94
N THR A 235 -19.84 10.55 28.78
CA THR A 235 -18.49 10.17 28.38
C THR A 235 -18.15 10.70 26.97
N VAL A 236 -19.11 10.65 26.05
CA VAL A 236 -18.84 11.13 24.70
C VAL A 236 -18.70 12.64 24.68
N LEU A 237 -19.59 13.35 25.39
CA LEU A 237 -19.44 14.80 25.49
C LEU A 237 -18.11 15.18 26.11
N SER A 238 -17.67 14.47 27.14
CA SER A 238 -16.40 14.81 27.76
C SER A 238 -15.21 14.48 26.85
N TYR A 239 -15.31 13.41 26.08
CA TYR A 239 -14.27 13.15 25.09
C TYR A 239 -14.12 14.32 24.13
N MET A 240 -15.23 14.82 23.58
CA MET A 240 -15.18 15.93 22.64
C MET A 240 -14.65 17.20 23.31
N ASP A 241 -15.21 17.56 24.46
CA ASP A 241 -14.79 18.80 25.14
C ASP A 241 -13.31 18.77 25.53
N ASN A 242 -12.82 17.64 26.03
CA ASN A 242 -11.42 17.59 26.46
C ASN A 242 -10.46 17.65 25.27
N LEU A 243 -10.79 16.96 24.19
CA LEU A 243 -9.96 17.08 22.99
C LEU A 243 -9.96 18.50 22.46
N ASN A 244 -11.12 19.16 22.42
CA ASN A 244 -11.18 20.56 21.99
C ASN A 244 -10.39 21.49 22.92
N ALA A 245 -10.15 21.09 24.16
CA ALA A 245 -9.44 21.94 25.12
C ALA A 245 -7.97 21.55 25.29
N ASN A 246 -7.50 20.54 24.55
CA ASN A 246 -6.14 20.00 24.67
C ASN A 246 -5.85 19.48 26.08
N ASP A 247 -6.86 18.95 26.74
CA ASP A 247 -6.72 18.52 28.13
C ASP A 247 -6.58 17.00 28.20
N PHE A 248 -5.40 16.53 27.80
CA PHE A 248 -5.20 15.11 27.55
C PHE A 248 -5.12 14.29 28.84
N ASP A 249 -4.68 14.88 29.94
CA ASP A 249 -4.65 14.13 31.20
C ASP A 249 -6.06 13.81 31.66
N VAL A 250 -7.00 14.73 31.45
CA VAL A 250 -8.39 14.47 31.80
C VAL A 250 -9.00 13.50 30.80
N LEU A 251 -8.73 13.71 29.51
CA LEU A 251 -9.27 12.84 28.47
C LEU A 251 -8.87 11.38 28.65
N ILE A 252 -7.60 11.13 28.99
CA ILE A 252 -7.15 9.72 29.06
C ILE A 252 -7.86 8.98 30.18
N ASN A 253 -8.28 9.66 31.25
CA ASN A 253 -9.04 9.02 32.31
C ASN A 253 -10.42 8.54 31.84
N LEU A 254 -10.86 8.88 30.64
CA LEU A 254 -12.14 8.37 30.16
C LEU A 254 -12.06 6.93 29.65
N PHE A 255 -10.85 6.40 29.47
CA PHE A 255 -10.62 5.09 28.87
C PHE A 255 -10.45 4.02 29.94
N THR A 256 -10.80 2.79 29.59
CA THR A 256 -10.38 1.65 30.41
C THR A 256 -8.86 1.50 30.29
N PRO A 257 -8.21 0.82 31.25
CA PRO A 257 -6.74 0.70 31.16
C PRO A 257 -6.29 0.01 29.88
N ASP A 258 -7.06 -0.97 29.41
CA ASP A 258 -6.77 -1.70 28.17
C ASP A 258 -7.53 -1.14 26.97
N GLY A 259 -8.05 0.08 27.08
CA GLY A 259 -8.83 0.66 25.99
C GLY A 259 -7.95 1.02 24.80
N ALA A 260 -8.62 1.38 23.71
CA ALA A 260 -7.89 1.59 22.47
C ALA A 260 -8.57 2.65 21.62
N LEU A 261 -7.76 3.37 20.84
CA LEU A 261 -8.22 4.38 19.92
C LEU A 261 -7.69 4.04 18.53
N GLN A 262 -8.54 4.08 17.52
CA GLN A 262 -8.13 3.74 16.17
C GLN A 262 -8.27 4.95 15.26
N PRO A 263 -7.16 5.60 14.90
CA PRO A 263 -7.21 6.73 13.96
C PRO A 263 -7.56 6.26 12.57
N PRO A 264 -7.99 7.16 11.68
CA PRO A 264 -8.38 6.75 10.32
C PRO A 264 -7.25 6.04 9.58
N PHE A 265 -7.59 4.90 8.95
CA PHE A 265 -6.68 4.10 8.11
C PHE A 265 -5.46 3.59 8.86
N GLN A 266 -5.59 3.41 10.18
CA GLN A 266 -4.49 2.93 10.99
C GLN A 266 -5.01 1.82 11.90
N ARG A 267 -4.08 1.06 12.46
CA ARG A 267 -4.42 0.03 13.43
C ARG A 267 -4.74 0.66 14.78
N PRO A 268 -5.47 -0.06 15.63
CA PRO A 268 -5.75 0.47 16.99
C PRO A 268 -4.46 0.73 17.77
N ILE A 269 -4.48 1.80 18.54
CA ILE A 269 -3.44 2.11 19.53
C ILE A 269 -3.99 1.67 20.88
N VAL A 270 -3.28 0.77 21.57
CA VAL A 270 -3.86 -0.01 22.67
C VAL A 270 -3.19 0.40 23.98
N GLY A 271 -4.00 0.67 25.01
CA GLY A 271 -3.53 0.96 26.36
C GLY A 271 -3.39 2.45 26.62
N LYS A 272 -3.60 2.84 27.89
CA LYS A 272 -3.58 4.24 28.24
C LYS A 272 -2.26 4.91 27.89
N ASP A 273 -1.14 4.22 28.09
CA ASP A 273 0.18 4.83 27.87
C ASP A 273 0.35 5.22 26.41
N ALA A 274 0.09 4.28 25.50
CA ALA A 274 0.24 4.53 24.08
C ALA A 274 -0.79 5.56 23.59
N VAL A 275 -2.03 5.48 24.08
CA VAL A 275 -3.05 6.43 23.62
C VAL A 275 -2.69 7.84 24.05
N LEU A 276 -2.19 8.00 25.29
CA LEU A 276 -1.77 9.33 25.76
C LEU A 276 -0.62 9.88 24.94
N ARG A 277 0.37 9.03 24.58
CA ARG A 277 1.48 9.50 23.75
C ARG A 277 0.97 9.99 22.41
N PHE A 278 -0.02 9.29 21.84
CA PHE A 278 -0.61 9.71 20.57
C PHE A 278 -1.35 11.04 20.70
N PHE A 279 -2.09 11.24 21.80
CA PHE A 279 -2.78 12.51 22.01
C PHE A 279 -1.78 13.66 22.00
N LYS A 280 -0.65 13.50 22.71
CA LYS A 280 0.34 14.56 22.81
C LYS A 280 1.09 14.75 21.50
N GLU A 281 1.42 13.66 20.82
CA GLU A 281 2.26 13.74 19.62
C GLU A 281 1.49 14.25 18.41
N GLU A 282 0.21 13.89 18.29
CA GLU A 282 -0.54 14.12 17.06
C GLU A 282 -1.85 14.88 17.20
N CYS A 283 -2.41 15.07 18.40
CA CYS A 283 -3.79 15.52 18.53
C CYS A 283 -3.95 16.90 19.12
N GLN A 284 -2.93 17.75 19.05
CA GLN A 284 -3.06 19.09 19.63
C GLN A 284 -3.72 20.04 18.66
N ASN A 285 -4.53 20.94 19.21
CA ASN A 285 -5.14 22.07 18.51
C ASN A 285 -6.15 21.67 17.45
N LEU A 286 -6.75 20.48 17.58
CA LEU A 286 -7.88 20.12 16.73
C LEU A 286 -9.12 20.90 17.17
N LYS A 287 -10.09 21.00 16.26
CA LYS A 287 -11.41 21.50 16.60
C LYS A 287 -12.42 20.46 16.12
N LEU A 288 -13.09 19.82 17.06
CA LEU A 288 -14.06 18.78 16.75
C LEU A 288 -15.45 19.39 16.83
N LEU A 289 -16.25 19.18 15.78
CA LEU A 289 -17.60 19.74 15.68
C LEU A 289 -18.59 18.62 15.38
N PRO A 290 -18.85 17.77 16.35
CA PRO A 290 -19.85 16.71 16.14
C PRO A 290 -21.22 17.34 15.96
N GLU A 291 -22.01 16.75 15.05
CA GLU A 291 -23.34 17.30 14.75
C GLU A 291 -24.47 16.44 15.27
N LYS A 292 -24.44 15.13 15.02
CA LYS A 292 -25.53 14.28 15.45
C LYS A 292 -24.99 12.90 15.74
N GLY A 293 -25.77 12.10 16.46
CA GLY A 293 -25.35 10.76 16.77
C GLY A 293 -26.53 9.87 17.10
N VAL A 294 -26.21 8.57 17.28
CA VAL A 294 -27.16 7.57 17.73
C VAL A 294 -26.47 6.70 18.78
N SER A 295 -27.26 6.26 19.76
CA SER A 295 -26.80 5.37 20.82
C SER A 295 -27.63 4.10 20.82
N GLU A 296 -26.97 2.96 20.98
CA GLU A 296 -27.59 1.64 20.93
C GLU A 296 -27.00 0.77 22.02
N PRO A 297 -27.81 -0.08 22.66
CA PRO A 297 -27.24 -1.09 23.54
C PRO A 297 -26.37 -2.05 22.76
N ALA A 298 -25.34 -2.56 23.42
CA ALA A 298 -24.53 -3.65 22.93
C ALA A 298 -24.59 -4.75 23.99
N GLN A 299 -23.90 -5.85 23.73
CA GLN A 299 -23.92 -6.98 24.64
C GLN A 299 -23.45 -6.57 26.05
N ASP A 300 -24.03 -7.22 27.06
CA ASP A 300 -23.54 -7.17 28.44
C ASP A 300 -23.56 -5.76 29.02
N GLY A 301 -24.63 -5.01 28.75
CA GLY A 301 -24.72 -3.65 29.25
C GLY A 301 -23.69 -2.69 28.68
N PHE A 302 -22.96 -3.07 27.64
CA PHE A 302 -22.15 -2.08 26.93
C PHE A 302 -23.07 -1.16 26.12
N THR A 303 -22.50 -0.08 25.62
CA THR A 303 -23.22 0.86 24.77
C THR A 303 -22.37 1.14 23.55
N GLN A 304 -22.98 1.11 22.38
CA GLN A 304 -22.26 1.46 21.16
C GLN A 304 -22.89 2.72 20.58
N ILE A 305 -22.04 3.71 20.31
CA ILE A 305 -22.45 5.05 19.95
C ILE A 305 -21.74 5.45 18.67
N LYS A 306 -22.47 6.01 17.72
CA LYS A 306 -21.88 6.55 16.50
C LYS A 306 -22.24 8.02 16.39
N ILE A 307 -21.21 8.86 16.25
CA ILE A 307 -21.32 10.31 16.05
C ILE A 307 -20.78 10.62 14.67
N THR A 308 -21.43 11.53 13.95
CA THR A 308 -20.85 12.08 12.72
C THR A 308 -20.76 13.58 12.87
N GLY A 309 -19.78 14.17 12.21
CA GLY A 309 -19.60 15.59 12.25
C GLY A 309 -18.40 15.99 11.46
N LYS A 310 -17.87 17.17 11.79
CA LYS A 310 -16.70 17.71 11.12
C LYS A 310 -15.58 17.88 12.11
N VAL A 311 -14.34 17.83 11.59
CA VAL A 311 -13.14 18.12 12.36
C VAL A 311 -12.30 19.09 11.54
N GLN A 312 -11.70 20.06 12.22
CA GLN A 312 -10.75 20.96 11.59
C GLN A 312 -9.37 20.69 12.15
N THR A 313 -8.35 20.66 11.24
CA THR A 313 -6.97 20.58 11.65
C THR A 313 -6.37 21.98 11.69
N PRO A 314 -5.42 22.24 12.59
CA PRO A 314 -4.81 23.59 12.66
C PRO A 314 -4.04 23.97 11.40
N TRP A 315 -3.66 23.00 10.57
CA TRP A 315 -2.99 23.32 9.31
C TRP A 315 -3.88 24.15 8.40
N PHE A 316 -5.21 23.96 8.46
CA PHE A 316 -6.11 24.65 7.55
C PHE A 316 -7.26 25.36 8.24
N GLY A 317 -7.47 25.14 9.54
CA GLY A 317 -8.58 25.81 10.21
C GLY A 317 -9.92 25.55 9.55
N ALA A 318 -10.71 26.61 9.41
CA ALA A 318 -12.02 26.48 8.77
C ALA A 318 -11.94 26.28 7.27
N GLY A 319 -10.73 26.39 6.68
CA GLY A 319 -10.60 26.16 5.24
C GLY A 319 -11.02 24.77 4.82
N VAL A 320 -10.86 23.77 5.68
CA VAL A 320 -11.16 22.38 5.34
C VAL A 320 -11.89 21.73 6.50
N GLY A 321 -13.18 21.48 6.33
CA GLY A 321 -13.93 20.71 7.32
C GLY A 321 -14.04 19.26 6.91
N MET A 322 -13.32 18.38 7.61
CA MET A 322 -13.27 16.97 7.27
C MET A 322 -14.49 16.25 7.86
N ASN A 323 -15.18 15.46 7.03
CA ASN A 323 -16.38 14.74 7.47
C ASN A 323 -15.99 13.44 8.15
N MET A 324 -16.29 13.33 9.43
CA MET A 324 -15.77 12.26 10.26
C MET A 324 -16.92 11.49 10.88
N ALA A 325 -16.63 10.22 11.22
CA ALA A 325 -17.46 9.43 12.12
C ALA A 325 -16.65 9.01 13.34
N TRP A 326 -17.29 8.97 14.50
CA TRP A 326 -16.70 8.40 15.71
C TRP A 326 -17.56 7.21 16.11
N ARG A 327 -16.91 6.09 16.40
CA ARG A 327 -17.61 4.88 16.84
C ARG A 327 -17.04 4.51 18.21
N PHE A 328 -17.87 4.66 19.24
CA PHE A 328 -17.50 4.39 20.63
C PHE A 328 -18.11 3.07 21.08
N LEU A 329 -17.32 2.27 21.79
CA LEU A 329 -17.83 1.16 22.58
C LEU A 329 -17.52 1.48 24.04
N ILE A 330 -18.56 1.70 24.84
CA ILE A 330 -18.45 2.18 26.21
C ILE A 330 -18.99 1.11 27.15
N ASN A 331 -18.25 0.85 28.24
CA ASN A 331 -18.57 -0.25 29.15
C ASN A 331 -19.63 0.18 30.15
N PRO A 332 -20.13 -0.75 31.00
CA PRO A 332 -21.27 -0.40 31.88
C PRO A 332 -20.97 0.70 32.89
N GLU A 333 -19.72 0.93 33.23
CA GLU A 333 -19.33 2.04 34.08
C GLU A 333 -19.07 3.33 33.32
N GLY A 334 -19.27 3.33 32.00
CA GLY A 334 -19.14 4.59 31.25
C GLY A 334 -17.72 4.92 30.81
N LYS A 335 -16.81 3.95 30.80
CA LYS A 335 -15.45 4.14 30.33
C LYS A 335 -15.31 3.65 28.89
N ILE A 336 -14.51 4.37 28.10
CA ILE A 336 -14.31 4.02 26.68
C ILE A 336 -13.43 2.78 26.60
N PHE A 337 -14.01 1.67 26.11
CA PHE A 337 -13.21 0.50 25.78
C PHE A 337 -12.57 0.63 24.41
N PHE A 338 -13.26 1.26 23.46
CA PHE A 338 -12.75 1.39 22.10
C PHE A 338 -13.40 2.59 21.44
N VAL A 339 -12.62 3.37 20.69
CA VAL A 339 -13.18 4.40 19.83
C VAL A 339 -12.45 4.39 18.49
N ALA A 340 -13.20 4.34 17.40
CA ALA A 340 -12.63 4.45 16.07
C ALA A 340 -13.03 5.80 15.49
N ILE A 341 -12.09 6.42 14.78
CA ILE A 341 -12.32 7.69 14.08
C ILE A 341 -12.12 7.42 12.60
N ASP A 342 -13.16 7.66 11.80
CA ASP A 342 -13.17 7.33 10.38
C ASP A 342 -13.29 8.61 9.58
N LEU A 343 -12.48 8.73 8.55
CA LEU A 343 -12.72 9.73 7.52
C LEU A 343 -13.76 9.15 6.57
N LEU A 344 -14.88 9.84 6.40
CA LEU A 344 -16.01 9.34 5.64
C LEU A 344 -15.81 9.52 4.13
N ALA A 345 -16.37 8.57 3.36
CA ALA A 345 -16.29 8.59 1.89
C ALA A 345 -16.78 9.90 1.24
N PRO B 38 24.36 9.31 -17.56
CA PRO B 38 24.67 7.88 -17.76
C PRO B 38 23.66 7.00 -17.03
N PHE B 39 23.18 5.98 -17.74
CA PHE B 39 22.07 5.18 -17.24
C PHE B 39 22.42 4.48 -15.93
N THR B 40 21.50 4.52 -14.98
CA THR B 40 21.52 3.67 -13.80
C THR B 40 20.24 2.85 -13.76
N ILE B 41 20.25 1.82 -12.90
CA ILE B 41 19.04 1.02 -12.70
C ILE B 41 17.87 1.92 -12.34
N ASP B 42 18.12 3.02 -11.63
CA ASP B 42 17.04 3.91 -11.22
C ASP B 42 16.58 4.82 -12.36
N SER B 43 17.48 5.24 -13.25
CA SER B 43 17.03 5.99 -14.41
C SER B 43 16.52 5.09 -15.52
N ALA B 44 16.95 3.83 -15.55
CA ALA B 44 16.48 2.89 -16.57
C ALA B 44 15.01 2.54 -16.38
N ARG B 45 14.53 2.59 -15.13
CA ARG B 45 13.14 2.34 -14.77
C ARG B 45 12.13 3.20 -15.52
N ASN B 46 12.54 4.37 -16.02
CA ASN B 46 11.58 5.33 -16.53
C ASN B 46 11.43 5.30 -18.05
N ILE B 47 12.05 4.33 -18.75
CA ILE B 47 11.95 4.29 -20.21
C ILE B 47 10.50 4.03 -20.61
N PHE B 48 10.14 4.48 -21.81
CA PHE B 48 8.78 4.47 -22.35
C PHE B 48 7.76 4.92 -21.29
N PRO B 49 7.86 6.16 -20.81
CA PRO B 49 7.05 6.60 -19.65
C PRO B 49 5.56 6.76 -19.94
N ASN B 50 5.10 6.67 -21.18
CA ASN B 50 3.66 6.72 -21.37
C ASN B 50 3.03 5.33 -21.48
N THR B 51 3.78 4.29 -21.11
CA THR B 51 3.18 2.97 -20.87
C THR B 51 2.31 3.03 -19.61
N LEU B 52 1.03 2.71 -19.75
CA LEU B 52 0.09 2.84 -18.64
C LEU B 52 -0.13 1.47 -17.99
N SER B 53 0.46 1.27 -16.82
CA SER B 53 0.29 0.00 -16.12
C SER B 53 -0.97 0.03 -15.26
N ALA B 54 -1.41 -1.16 -14.85
CA ALA B 54 -2.71 -1.35 -14.18
C ALA B 54 -2.55 -1.05 -12.70
N ASP B 55 -2.46 0.24 -12.35
CA ASP B 55 -2.28 0.50 -10.94
C ASP B 55 -3.58 0.35 -10.15
N ALA B 56 -4.69 0.05 -10.82
CA ALA B 56 -5.88 -0.45 -10.11
C ALA B 56 -5.57 -1.69 -9.29
N VAL B 57 -4.51 -2.41 -9.59
CA VAL B 57 -4.17 -3.64 -8.86
C VAL B 57 -3.62 -3.27 -7.49
N PRO B 58 -2.52 -2.49 -7.35
CA PRO B 58 -2.13 -2.05 -6.00
C PRO B 58 -3.20 -1.21 -5.31
N ALA B 59 -3.92 -0.37 -6.05
CA ALA B 59 -4.99 0.41 -5.43
C ALA B 59 -6.01 -0.49 -4.75
N THR B 60 -6.44 -1.56 -5.43
CA THR B 60 -7.44 -2.46 -4.88
C THR B 60 -6.90 -3.24 -3.69
N ILE B 61 -5.63 -3.68 -3.75
CA ILE B 61 -5.02 -4.35 -2.63
C ILE B 61 -5.04 -3.45 -1.39
N ALA B 62 -4.71 -2.18 -1.57
CA ALA B 62 -4.67 -1.25 -0.45
C ALA B 62 -6.06 -1.06 0.17
N ARG B 63 -7.11 -1.12 -0.63
CA ARG B 63 -8.46 -1.09 -0.07
C ARG B 63 -8.74 -2.35 0.71
N PHE B 64 -8.36 -3.49 0.13
CA PHE B 64 -8.48 -4.78 0.77
C PHE B 64 -7.76 -4.80 2.11
N SER B 65 -6.63 -4.10 2.23
CA SER B 65 -5.85 -4.20 3.46
C SER B 65 -6.49 -3.45 4.63
N GLN B 66 -7.58 -2.72 4.37
CA GLN B 66 -8.25 -1.94 5.41
C GLN B 66 -9.24 -2.78 6.22
N LEU B 67 -9.78 -3.85 5.62
CA LEU B 67 -10.91 -4.61 6.15
C LEU B 67 -10.49 -5.56 7.29
N SER B 68 -11.49 -5.99 8.05
CA SER B 68 -11.29 -7.03 9.06
C SER B 68 -10.76 -8.31 8.42
N ALA B 69 -10.14 -9.15 9.24
CA ALA B 69 -9.57 -10.40 8.72
C ALA B 69 -10.66 -11.32 8.20
N GLU B 70 -11.80 -11.37 8.89
CA GLU B 70 -12.89 -12.23 8.44
C GLU B 70 -13.50 -11.72 7.14
N ASP B 71 -13.61 -10.40 6.98
CA ASP B 71 -14.10 -9.85 5.72
C ASP B 71 -13.12 -10.13 4.58
N GLN B 72 -11.82 -10.04 4.84
CA GLN B 72 -10.82 -10.32 3.81
C GLN B 72 -10.95 -11.76 3.30
N LEU B 73 -11.00 -12.73 4.21
CA LEU B 73 -11.15 -14.13 3.82
C LEU B 73 -12.44 -14.36 3.04
N ALA B 74 -13.56 -13.87 3.57
CA ALA B 74 -14.84 -14.04 2.89
C ALA B 74 -14.86 -13.35 1.52
N LEU B 75 -14.29 -12.14 1.44
CA LEU B 75 -14.16 -11.43 0.17
C LEU B 75 -13.42 -12.28 -0.86
N VAL B 76 -12.27 -12.83 -0.49
CA VAL B 76 -11.47 -13.60 -1.44
C VAL B 76 -12.21 -14.87 -1.83
N TRP B 77 -12.83 -15.54 -0.83
CA TRP B 77 -13.70 -16.67 -1.13
C TRP B 77 -14.72 -16.31 -2.22
N PHE B 78 -15.48 -15.23 -2.03
CA PHE B 78 -16.52 -14.91 -3.01
C PHE B 78 -15.95 -14.59 -4.39
N ALA B 79 -14.76 -13.99 -4.46
CA ALA B 79 -14.19 -13.64 -5.76
C ALA B 79 -13.63 -14.88 -6.45
N TYR B 80 -13.03 -15.76 -5.67
CA TYR B 80 -12.48 -17.01 -6.17
C TYR B 80 -13.59 -17.91 -6.70
N LEU B 81 -14.69 -18.02 -5.97
CA LEU B 81 -15.80 -18.85 -6.43
C LEU B 81 -16.44 -18.28 -7.69
N GLU B 82 -16.57 -16.96 -7.79
CA GLU B 82 -17.13 -16.37 -9.00
C GLU B 82 -16.23 -16.65 -10.21
N MET B 83 -14.94 -16.44 -10.03
CA MET B 83 -13.98 -16.77 -11.07
C MET B 83 -14.03 -18.25 -11.43
N GLY B 84 -14.17 -19.11 -10.42
CA GLY B 84 -14.25 -20.54 -10.65
C GLY B 84 -15.48 -21.01 -11.38
N LYS B 85 -16.40 -20.11 -11.70
CA LYS B 85 -17.52 -20.52 -12.53
C LYS B 85 -17.08 -20.77 -13.97
N THR B 86 -16.04 -20.08 -14.43
CA THR B 86 -15.65 -20.12 -15.84
C THR B 86 -14.18 -20.39 -16.07
N ILE B 87 -13.35 -20.32 -15.04
CA ILE B 87 -11.90 -20.44 -15.15
C ILE B 87 -11.46 -21.53 -14.20
N THR B 88 -10.66 -22.46 -14.67
CA THR B 88 -10.24 -23.55 -13.82
C THR B 88 -8.75 -23.41 -13.53
N ILE B 89 -8.34 -23.78 -12.30
CA ILE B 89 -6.94 -23.73 -11.90
C ILE B 89 -6.33 -25.12 -12.06
N ALA B 90 -5.12 -25.16 -12.59
CA ALA B 90 -4.34 -26.40 -12.64
C ALA B 90 -3.75 -26.65 -11.25
N ALA B 91 -4.21 -27.69 -10.57
CA ALA B 91 -3.71 -28.00 -9.23
C ALA B 91 -2.21 -28.28 -9.29
N PRO B 92 -1.43 -27.78 -8.34
CA PRO B 92 0.01 -28.09 -8.36
C PRO B 92 0.24 -29.55 -8.07
N GLY B 93 1.31 -30.09 -8.64
CA GLY B 93 1.69 -31.45 -8.33
C GLY B 93 2.12 -31.57 -6.88
N ALA B 94 1.99 -32.80 -6.35
CA ALA B 94 2.35 -33.04 -4.96
C ALA B 94 3.83 -32.81 -4.72
N ALA B 95 4.68 -33.10 -5.70
CA ALA B 95 6.10 -32.87 -5.53
C ALA B 95 6.45 -31.40 -5.47
N SER B 96 5.54 -30.52 -5.91
CA SER B 96 5.79 -29.09 -5.83
C SER B 96 5.45 -28.52 -4.47
N MET B 97 4.69 -29.25 -3.66
CA MET B 97 4.13 -28.76 -2.40
C MET B 97 4.63 -29.52 -1.18
N VAL B 98 5.75 -30.25 -1.30
CA VAL B 98 6.20 -31.04 -0.16
C VAL B 98 6.68 -30.13 0.98
N PHE B 99 7.22 -28.94 0.67
CA PHE B 99 7.58 -27.99 1.71
C PHE B 99 6.39 -27.54 2.54
N ALA B 100 5.17 -27.63 2.01
CA ALA B 100 4.00 -27.22 2.75
C ALA B 100 3.16 -28.39 3.25
N GLU B 101 3.48 -29.61 2.81
CA GLU B 101 2.66 -30.78 3.13
C GLU B 101 2.48 -30.95 4.63
N LYS B 102 3.56 -30.79 5.41
CA LYS B 102 3.45 -30.92 6.86
C LYS B 102 2.47 -29.91 7.44
N THR B 103 2.61 -28.64 7.05
CA THR B 103 1.76 -27.58 7.59
C THR B 103 0.30 -27.78 7.19
N MET B 104 0.03 -28.07 5.91
CA MET B 104 -1.35 -28.26 5.51
C MET B 104 -2.00 -29.43 6.24
N ASN B 105 -1.20 -30.44 6.60
CA ASN B 105 -1.76 -31.59 7.30
C ASN B 105 -2.23 -31.23 8.69
N GLU B 106 -1.41 -30.48 9.43
CA GLU B 106 -1.81 -30.04 10.75
C GLU B 106 -3.11 -29.25 10.70
N VAL B 107 -3.23 -28.36 9.72
CA VAL B 107 -4.41 -27.50 9.63
C VAL B 107 -5.66 -28.34 9.40
N ARG B 108 -5.55 -29.40 8.60
CA ARG B 108 -6.73 -30.14 8.20
C ARG B 108 -7.39 -30.86 9.36
N GLN B 109 -6.61 -31.23 10.39
CA GLN B 109 -7.12 -31.99 11.52
C GLN B 109 -7.40 -31.13 12.75
N MET B 110 -6.99 -29.87 12.76
CA MET B 110 -7.39 -28.96 13.82
C MET B 110 -8.92 -28.85 13.89
N THR B 111 -9.42 -28.32 15.01
CA THR B 111 -10.86 -28.13 15.13
C THR B 111 -11.27 -26.95 14.28
N PRO B 112 -12.54 -26.89 13.87
CA PRO B 112 -12.96 -25.77 13.00
C PRO B 112 -12.66 -24.40 13.56
N LEU B 113 -12.60 -24.24 14.89
CA LEU B 113 -12.29 -22.92 15.43
C LEU B 113 -10.80 -22.63 15.31
N GLU B 114 -9.93 -23.61 15.57
CA GLU B 114 -8.50 -23.38 15.40
C GLU B 114 -8.13 -23.18 13.92
N GLN B 115 -8.88 -23.78 13.00
CA GLN B 115 -8.62 -23.57 11.59
C GLN B 115 -8.92 -22.13 11.19
N THR B 116 -10.10 -21.63 11.56
CA THR B 116 -10.45 -20.25 11.31
C THR B 116 -9.42 -19.29 11.89
N GLN B 117 -9.03 -19.52 13.15
CA GLN B 117 -7.99 -18.69 13.74
C GLN B 117 -6.75 -18.65 12.86
N VAL B 118 -6.31 -19.82 12.38
CA VAL B 118 -5.06 -19.90 11.61
C VAL B 118 -5.14 -19.04 10.36
N MET B 119 -6.26 -19.11 9.64
CA MET B 119 -6.41 -18.26 8.46
C MET B 119 -6.46 -16.78 8.84
N CYS B 120 -7.02 -16.45 10.01
CA CYS B 120 -7.01 -15.07 10.46
C CYS B 120 -5.60 -14.62 10.81
N ASP B 121 -4.81 -15.50 11.44
CA ASP B 121 -3.42 -15.19 11.73
C ASP B 121 -2.64 -14.87 10.47
N LEU B 122 -2.86 -15.65 9.41
CA LEU B 122 -2.14 -15.39 8.15
C LEU B 122 -2.55 -14.05 7.56
N THR B 123 -3.87 -13.80 7.50
CA THR B 123 -4.37 -12.56 6.94
C THR B 123 -3.89 -11.36 7.73
N ASN B 124 -3.86 -11.47 9.07
CA ASN B 124 -3.41 -10.42 9.98
C ASN B 124 -1.90 -10.29 10.06
N ARG B 125 -1.15 -11.23 9.45
CA ARG B 125 0.31 -11.20 9.48
C ARG B 125 0.86 -11.29 10.91
N ALA B 126 0.14 -12.04 11.75
CA ALA B 126 0.50 -12.25 13.15
C ALA B 126 1.81 -13.05 13.27
N ASP B 127 2.38 -13.04 14.48
CA ASP B 127 3.55 -13.85 14.79
C ASP B 127 3.07 -15.14 15.45
N THR B 128 2.87 -16.16 14.64
CA THR B 128 2.49 -17.50 15.06
C THR B 128 3.43 -18.47 14.38
N PRO B 129 3.46 -19.74 14.83
CA PRO B 129 4.33 -20.71 14.12
C PRO B 129 4.01 -20.83 12.65
N ILE B 130 2.73 -21.02 12.31
CA ILE B 130 2.36 -21.19 10.91
C ILE B 130 2.62 -19.93 10.12
N SER B 131 2.33 -18.76 10.70
CA SER B 131 2.59 -17.49 10.01
C SER B 131 4.04 -17.36 9.62
N ARG B 132 4.95 -17.76 10.50
CA ARG B 132 6.38 -17.58 10.23
C ARG B 132 6.87 -18.52 9.13
N ILE B 133 6.40 -19.77 9.14
CA ILE B 133 6.86 -20.71 8.13
C ILE B 133 6.27 -20.36 6.75
N TYR B 134 4.97 -19.98 6.72
CA TYR B 134 4.33 -19.50 5.50
C TYR B 134 5.18 -18.48 4.80
N SER B 135 5.77 -17.57 5.57
CA SER B 135 6.55 -16.48 5.02
C SER B 135 7.87 -16.93 4.43
N THR B 136 8.31 -18.16 4.69
CA THR B 136 9.48 -18.70 4.04
C THR B 136 9.20 -19.23 2.64
N TRP B 137 7.93 -19.42 2.28
CA TRP B 137 7.56 -20.10 1.04
C TRP B 137 7.57 -19.15 -0.16
N SER B 138 7.92 -19.70 -1.32
CA SER B 138 7.77 -18.97 -2.56
C SER B 138 6.30 -18.70 -2.83
N ALA B 139 6.03 -17.78 -3.76
CA ALA B 139 4.66 -17.45 -4.12
C ALA B 139 3.85 -18.68 -4.54
N ASN B 140 4.45 -19.58 -5.33
CA ASN B 140 3.71 -20.73 -5.83
C ASN B 140 3.32 -21.69 -4.70
N ILE B 141 4.17 -21.84 -3.68
CA ILE B 141 3.83 -22.73 -2.57
C ILE B 141 2.71 -22.10 -1.74
N LYS B 142 2.81 -20.80 -1.46
CA LYS B 142 1.73 -20.09 -0.78
C LYS B 142 0.42 -20.26 -1.54
N LEU B 143 0.44 -20.02 -2.86
CA LEU B 143 -0.77 -20.21 -3.66
C LEU B 143 -1.27 -21.65 -3.56
N GLY B 144 -0.38 -22.63 -3.67
CA GLY B 144 -0.79 -24.04 -3.55
C GLY B 144 -1.38 -24.36 -2.20
N PHE B 145 -0.81 -23.75 -1.15
CA PHE B 145 -1.34 -23.89 0.21
C PHE B 145 -2.79 -23.46 0.28
N TRP B 146 -3.10 -22.25 -0.20
CA TRP B 146 -4.48 -21.77 -0.16
C TRP B 146 -5.37 -22.54 -1.13
N TYR B 147 -4.83 -22.96 -2.28
CA TYR B 147 -5.65 -23.77 -3.19
C TYR B 147 -6.10 -25.05 -2.51
N GLN B 148 -5.18 -25.72 -1.83
CA GLN B 148 -5.52 -26.93 -1.09
C GLN B 148 -6.57 -26.64 -0.01
N LEU B 149 -6.36 -25.56 0.76
CA LEU B 149 -7.33 -25.19 1.80
C LEU B 149 -8.72 -24.99 1.20
N GLY B 150 -8.80 -24.32 0.04
CA GLY B 150 -10.09 -24.15 -0.60
C GLY B 150 -10.73 -25.47 -1.01
N GLN B 151 -9.92 -26.42 -1.48
CA GLN B 151 -10.44 -27.74 -1.80
C GLN B 151 -11.04 -28.42 -0.58
N TRP B 152 -10.36 -28.31 0.57
CA TRP B 152 -10.86 -28.92 1.80
C TRP B 152 -12.04 -28.15 2.38
N MET B 153 -12.14 -26.86 2.10
CA MET B 153 -13.32 -26.12 2.53
C MET B 153 -14.58 -26.65 1.84
N GLU B 154 -14.41 -27.18 0.64
CA GLU B 154 -15.52 -27.66 -0.17
C GLU B 154 -15.90 -29.10 0.13
N ASP B 155 -15.00 -29.88 0.75
CA ASP B 155 -15.29 -31.27 1.11
C ASP B 155 -15.61 -31.46 2.60
N GLY B 156 -15.48 -30.41 3.41
CA GLY B 156 -15.81 -30.48 4.81
C GLY B 156 -14.64 -30.62 5.77
N SER B 157 -13.40 -30.71 5.26
CA SER B 157 -12.25 -30.95 6.14
C SER B 157 -11.78 -29.69 6.86
N VAL B 158 -12.01 -28.51 6.28
CA VAL B 158 -11.53 -27.26 6.84
C VAL B 158 -12.73 -26.33 7.02
N ALA B 159 -12.69 -25.53 8.10
CA ALA B 159 -13.83 -24.68 8.42
C ALA B 159 -14.12 -23.72 7.29
N PRO B 160 -15.37 -23.62 6.83
CA PRO B 160 -15.67 -22.81 5.63
C PRO B 160 -16.17 -21.41 5.96
N ILE B 161 -16.27 -20.57 4.94
CA ILE B 161 -16.90 -19.25 5.08
C ILE B 161 -18.39 -19.46 5.34
N PRO B 162 -18.92 -18.93 6.44
CA PRO B 162 -20.34 -19.12 6.76
C PRO B 162 -21.25 -18.81 5.58
N LYS B 163 -22.26 -19.64 5.40
CA LYS B 163 -23.24 -19.44 4.34
C LYS B 163 -23.98 -18.11 4.56
N GLY B 164 -24.22 -17.39 3.47
CA GLY B 164 -24.86 -16.10 3.53
C GLY B 164 -24.08 -15.02 4.25
N TYR B 165 -22.79 -15.25 4.51
CA TYR B 165 -21.94 -14.29 5.21
C TYR B 165 -22.08 -12.90 4.62
N GLN B 166 -22.17 -11.90 5.48
CA GLN B 166 -22.50 -10.54 5.08
C GLN B 166 -21.27 -9.66 5.23
N LEU B 167 -20.79 -9.12 4.12
CA LEU B 167 -19.66 -8.22 4.11
C LEU B 167 -20.04 -6.85 4.67
N SER B 168 -19.09 -6.20 5.33
CA SER B 168 -19.25 -4.80 5.69
C SER B 168 -19.46 -3.96 4.43
N ALA B 169 -19.90 -2.72 4.63
CA ALA B 169 -20.17 -1.84 3.49
C ALA B 169 -18.91 -1.60 2.67
N ASN B 170 -17.78 -1.32 3.34
CA ASN B 170 -16.53 -1.12 2.60
C ASN B 170 -16.08 -2.41 1.93
N ALA B 171 -16.15 -3.53 2.66
CA ALA B 171 -15.76 -4.81 2.09
C ALA B 171 -16.59 -5.13 0.87
N SER B 172 -17.87 -4.80 0.92
CA SER B 172 -18.77 -5.13 -0.18
C SER B 172 -18.43 -4.32 -1.42
N ALA B 173 -18.01 -3.06 -1.25
CA ALA B 173 -17.55 -2.26 -2.38
C ALA B 173 -16.25 -2.79 -2.95
N VAL B 174 -15.35 -3.27 -2.10
CA VAL B 174 -14.10 -3.84 -2.61
C VAL B 174 -14.39 -5.07 -3.46
N LEU B 175 -15.34 -5.91 -3.03
CA LEU B 175 -15.65 -7.12 -3.79
C LEU B 175 -16.21 -6.77 -5.16
N GLU B 176 -17.10 -5.77 -5.22
CA GLU B 176 -17.66 -5.38 -6.50
C GLU B 176 -16.60 -4.77 -7.41
N ALA B 177 -15.68 -3.97 -6.84
CA ALA B 177 -14.55 -3.47 -7.63
C ALA B 177 -13.75 -4.62 -8.23
N ILE B 178 -13.45 -5.64 -7.42
CA ILE B 178 -12.64 -6.75 -7.94
C ILE B 178 -13.35 -7.45 -9.09
N LYS B 179 -14.67 -7.67 -8.97
CA LYS B 179 -15.42 -8.36 -10.02
C LYS B 179 -15.47 -7.55 -11.32
N LYS B 180 -15.33 -6.24 -11.26
CA LYS B 180 -15.29 -5.44 -12.50
C LYS B 180 -13.93 -5.48 -13.19
N LEU B 181 -12.88 -5.94 -12.51
CA LEU B 181 -11.56 -5.98 -13.13
C LEU B 181 -11.52 -7.06 -14.20
N GLU B 182 -10.76 -6.80 -15.26
CA GLU B 182 -10.52 -7.85 -16.24
C GLU B 182 -9.79 -9.01 -15.58
N ASP B 183 -9.87 -10.19 -16.22
CA ASP B 183 -9.38 -11.44 -15.63
C ASP B 183 -7.91 -11.35 -15.20
N GLY B 184 -7.05 -10.80 -16.07
CA GLY B 184 -5.63 -10.72 -15.75
C GLY B 184 -5.37 -9.88 -14.51
N GLN B 185 -6.19 -8.86 -14.29
CA GLN B 185 -6.01 -8.04 -13.10
C GLN B 185 -6.60 -8.73 -11.87
N GLN B 186 -7.74 -9.41 -12.01
CA GLN B 186 -8.32 -10.13 -10.86
C GLN B 186 -7.33 -11.13 -10.28
N ILE B 187 -6.70 -11.94 -11.13
CA ILE B 187 -5.80 -12.95 -10.61
C ILE B 187 -4.54 -12.32 -10.04
N THR B 188 -4.12 -11.16 -10.55
CA THR B 188 -2.97 -10.50 -9.92
C THR B 188 -3.33 -9.97 -8.54
N VAL B 189 -4.55 -9.44 -8.39
CA VAL B 189 -5.03 -9.02 -7.07
C VAL B 189 -5.03 -10.21 -6.10
N LEU B 190 -5.62 -11.34 -6.51
CA LEU B 190 -5.64 -12.51 -5.65
C LEU B 190 -4.22 -12.97 -5.29
N ARG B 191 -3.33 -13.03 -6.29
CA ARG B 191 -1.95 -13.43 -6.05
C ARG B 191 -1.27 -12.51 -5.04
N ASN B 192 -1.38 -11.19 -5.23
CA ASN B 192 -0.67 -10.28 -4.34
C ASN B 192 -1.25 -10.31 -2.93
N CYS B 193 -2.56 -10.55 -2.79
CA CYS B 193 -3.15 -10.77 -1.47
C CYS B 193 -2.52 -11.98 -0.78
N VAL B 194 -2.49 -13.12 -1.48
CA VAL B 194 -1.99 -14.35 -0.89
C VAL B 194 -0.52 -14.21 -0.52
N VAL B 195 0.30 -13.66 -1.42
CA VAL B 195 1.72 -13.56 -1.16
C VAL B 195 1.99 -12.66 0.03
N ASP B 196 1.19 -11.63 0.22
CA ASP B 196 1.40 -10.65 1.27
C ASP B 196 0.93 -11.13 2.64
N MET B 197 0.30 -12.31 2.73
CA MET B 197 -0.08 -12.83 4.03
C MET B 197 1.16 -13.33 4.78
N GLY B 198 0.93 -13.80 6.02
CA GLY B 198 1.99 -14.33 6.85
C GLY B 198 2.87 -13.26 7.45
N PHE B 199 3.70 -13.68 8.41
CA PHE B 199 4.55 -12.74 9.14
C PHE B 199 5.48 -11.99 8.19
N ASP B 200 5.71 -10.71 8.50
CA ASP B 200 6.38 -9.80 7.58
C ASP B 200 7.90 -9.92 7.68
N THR B 201 8.53 -10.50 6.66
CA THR B 201 9.98 -10.50 6.58
C THR B 201 10.48 -9.11 6.21
N LYS B 209 14.67 -18.65 1.50
CA LYS B 209 13.38 -18.82 0.86
C LYS B 209 13.33 -20.14 0.08
N VAL B 210 12.28 -20.95 0.31
CA VAL B 210 12.17 -22.27 -0.31
C VAL B 210 11.23 -22.20 -1.49
N ALA B 211 11.53 -23.03 -2.51
CA ALA B 211 10.79 -22.99 -3.76
C ALA B 211 10.57 -24.41 -4.28
N GLU B 212 9.68 -24.49 -5.29
CA GLU B 212 9.39 -25.72 -6.01
C GLU B 212 10.67 -26.29 -6.66
N PRO B 213 10.66 -27.58 -7.00
CA PRO B 213 11.82 -28.16 -7.70
C PRO B 213 12.11 -27.43 -9.00
N VAL B 214 13.39 -27.31 -9.33
CA VAL B 214 13.79 -26.69 -10.58
C VAL B 214 13.58 -27.68 -11.72
N VAL B 215 12.73 -27.31 -12.68
CA VAL B 215 12.47 -28.14 -13.86
C VAL B 215 13.66 -28.04 -14.82
N PRO B 216 14.08 -29.14 -15.44
CA PRO B 216 15.20 -29.05 -16.38
C PRO B 216 14.81 -28.30 -17.63
N PRO B 217 15.74 -27.61 -18.29
CA PRO B 217 15.42 -26.88 -19.51
C PRO B 217 14.75 -27.77 -20.56
N LYS B 218 13.81 -27.19 -21.29
CA LYS B 218 13.19 -27.88 -22.42
C LYS B 218 14.26 -28.35 -23.41
N GLU B 219 14.16 -29.61 -23.82
CA GLU B 219 15.05 -30.13 -24.86
C GLU B 219 14.94 -29.29 -26.13
N MET B 220 16.09 -29.15 -26.80
CA MET B 220 16.23 -28.30 -27.99
C MET B 220 15.15 -28.56 -29.03
N SER B 221 14.95 -29.83 -29.39
CA SER B 221 14.04 -30.17 -30.47
C SER B 221 12.60 -29.77 -30.16
N GLU B 222 12.22 -29.65 -28.89
CA GLU B 222 10.85 -29.37 -28.51
C GLU B 222 10.55 -27.89 -28.33
N ARG B 223 11.54 -27.02 -28.52
CA ARG B 223 11.33 -25.61 -28.28
C ARG B 223 10.60 -24.95 -29.45
N THR B 224 9.82 -23.95 -29.11
CA THR B 224 9.18 -23.06 -30.06
C THR B 224 10.03 -21.79 -30.17
N LYS B 225 9.73 -20.99 -31.18
CA LYS B 225 10.47 -19.75 -31.41
C LYS B 225 9.45 -18.64 -31.58
N VAL B 226 9.73 -17.47 -30.99
CA VAL B 226 8.80 -16.36 -31.11
C VAL B 226 9.23 -15.48 -32.28
N SER B 227 8.27 -14.76 -32.84
CA SER B 227 8.54 -13.64 -33.70
C SER B 227 7.68 -12.47 -33.25
N ILE B 228 8.21 -11.27 -33.42
CA ILE B 228 7.60 -10.05 -32.92
C ILE B 228 7.56 -9.06 -34.07
N ASP B 229 6.35 -8.61 -34.41
CA ASP B 229 6.15 -7.62 -35.46
C ASP B 229 6.86 -6.33 -35.09
N GLY B 230 7.98 -6.05 -35.77
CA GLY B 230 8.70 -4.80 -35.61
C GLY B 230 9.99 -4.91 -34.85
N VAL B 231 10.34 -6.09 -34.33
CA VAL B 231 11.54 -6.25 -33.53
C VAL B 231 12.20 -7.56 -33.90
N THR B 232 13.45 -7.50 -34.36
CA THR B 232 14.25 -8.69 -34.59
C THR B 232 15.52 -8.73 -33.75
N ASN B 233 15.70 -7.76 -32.85
CA ASN B 233 16.81 -7.71 -31.92
C ASN B 233 17.07 -9.08 -31.29
N PRO B 234 18.21 -9.71 -31.56
CA PRO B 234 18.43 -11.08 -31.08
C PRO B 234 18.50 -11.21 -29.57
N THR B 235 18.79 -10.14 -28.84
CA THR B 235 18.78 -10.27 -27.39
C THR B 235 17.37 -10.43 -26.84
N VAL B 236 16.40 -9.67 -27.37
CA VAL B 236 15.02 -9.81 -26.94
C VAL B 236 14.48 -11.19 -27.33
N LEU B 237 14.69 -11.58 -28.59
CA LEU B 237 14.20 -12.88 -29.04
C LEU B 237 14.78 -14.01 -28.20
N SER B 238 16.07 -13.90 -27.85
CA SER B 238 16.70 -14.95 -27.06
C SER B 238 16.16 -14.98 -25.64
N TYR B 239 15.83 -13.81 -25.09
CA TYR B 239 15.19 -13.71 -23.79
C TYR B 239 13.85 -14.46 -23.77
N MET B 240 12.96 -14.12 -24.72
CA MET B 240 11.68 -14.82 -24.78
C MET B 240 11.86 -16.31 -25.03
N ASP B 241 12.69 -16.66 -26.02
CA ASP B 241 12.88 -18.08 -26.34
C ASP B 241 13.39 -18.85 -25.13
N ASN B 242 14.36 -18.30 -24.41
CA ASN B 242 14.97 -19.10 -23.35
C ASN B 242 14.13 -19.11 -22.09
N LEU B 243 13.37 -18.04 -21.84
CA LEU B 243 12.38 -18.08 -20.76
C LEU B 243 11.27 -19.07 -21.07
N ASN B 244 10.78 -19.08 -22.31
CA ASN B 244 9.79 -20.10 -22.71
C ASN B 244 10.35 -21.51 -22.59
N ALA B 245 11.68 -21.67 -22.64
CA ALA B 245 12.29 -23.00 -22.53
C ALA B 245 12.73 -23.35 -21.12
N ASN B 246 12.46 -22.49 -20.13
CA ASN B 246 12.97 -22.65 -18.77
C ASN B 246 14.50 -22.75 -18.74
N ASP B 247 15.19 -22.20 -19.74
CA ASP B 247 16.64 -22.39 -19.87
C ASP B 247 17.35 -21.21 -19.20
N PHE B 248 17.39 -21.27 -17.87
CA PHE B 248 17.74 -20.07 -17.10
C PHE B 248 19.22 -19.74 -17.13
N ASP B 249 20.09 -20.75 -17.31
CA ASP B 249 21.51 -20.45 -17.40
C ASP B 249 21.86 -19.70 -18.67
N VAL B 250 21.23 -20.06 -19.80
CA VAL B 250 21.43 -19.27 -21.01
C VAL B 250 20.78 -17.90 -20.85
N LEU B 251 19.59 -17.87 -20.24
CA LEU B 251 18.86 -16.62 -20.10
C LEU B 251 19.65 -15.61 -19.28
N ILE B 252 20.19 -16.05 -18.13
CA ILE B 252 20.91 -15.11 -17.25
C ILE B 252 22.15 -14.54 -17.91
N ASN B 253 22.71 -15.23 -18.92
CA ASN B 253 23.90 -14.70 -19.58
C ASN B 253 23.61 -13.61 -20.58
N LEU B 254 22.33 -13.31 -20.86
CA LEU B 254 22.00 -12.13 -21.66
C LEU B 254 22.10 -10.82 -20.87
N PHE B 255 22.21 -10.89 -19.55
CA PHE B 255 22.23 -9.71 -18.68
C PHE B 255 23.66 -9.28 -18.39
N THR B 256 23.87 -7.96 -18.26
CA THR B 256 25.09 -7.45 -17.64
C THR B 256 25.18 -7.96 -16.20
N PRO B 257 26.40 -8.02 -15.63
CA PRO B 257 26.53 -8.54 -14.25
C PRO B 257 25.81 -7.70 -13.21
N ASP B 258 25.63 -6.41 -13.46
CA ASP B 258 24.89 -5.53 -12.59
C ASP B 258 23.47 -5.25 -13.10
N GLY B 259 23.01 -5.99 -14.11
CA GLY B 259 21.70 -5.72 -14.69
C GLY B 259 20.57 -6.07 -13.73
N ALA B 260 19.36 -5.65 -14.11
CA ALA B 260 18.22 -5.77 -13.22
C ALA B 260 16.97 -6.14 -14.00
N LEU B 261 16.09 -6.86 -13.31
CA LEU B 261 14.78 -7.24 -13.82
C LEU B 261 13.74 -6.74 -12.84
N GLN B 262 12.74 -6.02 -13.35
CA GLN B 262 11.68 -5.48 -12.52
C GLN B 262 10.34 -6.15 -12.84
N PRO B 263 9.85 -7.04 -11.99
CA PRO B 263 8.52 -7.66 -12.22
C PRO B 263 7.40 -6.68 -11.96
N PRO B 264 6.17 -7.00 -12.34
CA PRO B 264 5.07 -6.03 -12.20
C PRO B 264 4.86 -5.59 -10.75
N PHE B 265 4.76 -4.27 -10.57
CA PHE B 265 4.44 -3.66 -9.27
C PHE B 265 5.48 -3.99 -8.21
N GLN B 266 6.71 -4.27 -8.60
CA GLN B 266 7.77 -4.54 -7.64
C GLN B 266 8.95 -3.62 -7.93
N ARG B 267 9.89 -3.60 -6.98
CA ARG B 267 11.15 -2.89 -7.15
C ARG B 267 12.11 -3.75 -7.98
N PRO B 268 13.06 -3.13 -8.67
CA PRO B 268 14.04 -3.90 -9.44
C PRO B 268 14.75 -4.96 -8.60
N ILE B 269 15.01 -6.11 -9.25
CA ILE B 269 15.89 -7.14 -8.70
C ILE B 269 17.24 -7.00 -9.41
N VAL B 270 18.32 -6.80 -8.65
CA VAL B 270 19.57 -6.29 -9.18
C VAL B 270 20.67 -7.33 -9.02
N GLY B 271 21.51 -7.47 -10.06
CA GLY B 271 22.62 -8.40 -10.02
C GLY B 271 22.23 -9.76 -10.56
N LYS B 272 23.15 -10.40 -11.29
CA LYS B 272 22.81 -11.69 -11.93
C LYS B 272 22.45 -12.74 -10.89
N ASP B 273 23.05 -12.68 -9.71
CA ASP B 273 22.76 -13.72 -8.72
C ASP B 273 21.31 -13.63 -8.25
N ALA B 274 20.81 -12.42 -8.00
CA ALA B 274 19.42 -12.29 -7.57
C ALA B 274 18.45 -12.63 -8.70
N VAL B 275 18.76 -12.20 -9.92
CA VAL B 275 17.84 -12.42 -11.05
C VAL B 275 17.66 -13.91 -11.30
N LEU B 276 18.77 -14.65 -11.36
CA LEU B 276 18.70 -16.08 -11.62
C LEU B 276 17.90 -16.79 -10.54
N ARG B 277 18.12 -16.42 -9.28
CA ARG B 277 17.30 -16.96 -8.19
C ARG B 277 15.83 -16.64 -8.39
N PHE B 278 15.51 -15.43 -8.88
CA PHE B 278 14.11 -15.11 -9.15
C PHE B 278 13.55 -15.99 -10.26
N PHE B 279 14.33 -16.21 -11.33
CA PHE B 279 13.89 -17.07 -12.43
C PHE B 279 13.49 -18.46 -11.92
N LYS B 280 14.36 -19.11 -11.15
CA LYS B 280 14.09 -20.46 -10.67
C LYS B 280 12.96 -20.49 -9.64
N GLU B 281 12.84 -19.45 -8.83
CA GLU B 281 11.80 -19.42 -7.81
C GLU B 281 10.42 -19.21 -8.43
N GLU B 282 10.29 -18.22 -9.32
CA GLU B 282 8.99 -17.72 -9.73
C GLU B 282 8.66 -17.89 -11.20
N CYS B 283 9.64 -18.17 -12.07
CA CYS B 283 9.44 -17.97 -13.51
C CYS B 283 9.40 -19.27 -14.31
N GLN B 284 9.10 -20.41 -13.70
CA GLN B 284 9.06 -21.65 -14.44
C GLN B 284 7.71 -21.87 -15.12
N ASN B 285 7.75 -22.36 -16.36
CA ASN B 285 6.57 -22.79 -17.11
C ASN B 285 5.64 -21.64 -17.45
N LEU B 286 6.18 -20.43 -17.56
CA LEU B 286 5.45 -19.34 -18.19
C LEU B 286 5.40 -19.55 -19.70
N LYS B 287 4.36 -19.01 -20.32
CA LYS B 287 4.23 -18.96 -21.77
C LYS B 287 4.17 -17.49 -22.16
N LEU B 288 5.24 -17.01 -22.79
CA LEU B 288 5.33 -15.64 -23.24
C LEU B 288 4.94 -15.60 -24.70
N LEU B 289 3.95 -14.77 -25.04
CA LEU B 289 3.47 -14.63 -26.41
C LEU B 289 3.55 -13.16 -26.84
N PRO B 290 4.76 -12.65 -27.07
CA PRO B 290 4.90 -11.27 -27.55
C PRO B 290 4.32 -11.14 -28.95
N GLU B 291 3.77 -9.96 -29.22
CA GLU B 291 3.07 -9.71 -30.47
C GLU B 291 3.75 -8.65 -31.32
N LYS B 292 4.02 -7.46 -30.75
CA LYS B 292 4.54 -6.36 -31.53
C LYS B 292 5.48 -5.53 -30.66
N GLY B 293 6.28 -4.70 -31.32
CA GLY B 293 7.32 -3.97 -30.60
C GLY B 293 7.91 -2.84 -31.42
N VAL B 294 8.67 -2.00 -30.73
CA VAL B 294 9.42 -0.92 -31.35
C VAL B 294 10.79 -0.91 -30.71
N SER B 295 11.78 -0.48 -31.48
CA SER B 295 13.17 -0.39 -31.06
C SER B 295 13.64 1.04 -31.28
N GLU B 296 14.38 1.58 -30.31
CA GLU B 296 14.78 2.98 -30.37
C GLU B 296 16.21 3.17 -29.88
N PRO B 297 17.00 3.97 -30.58
CA PRO B 297 18.31 4.38 -30.04
C PRO B 297 18.14 5.19 -28.77
N ALA B 298 18.92 4.84 -27.75
CA ALA B 298 19.05 5.61 -26.52
C ALA B 298 20.45 6.22 -26.47
N GLN B 299 20.73 6.93 -25.37
CA GLN B 299 22.04 7.56 -25.19
C GLN B 299 23.09 6.49 -24.90
N ASP B 300 24.37 6.89 -25.05
CA ASP B 300 25.54 6.07 -24.76
C ASP B 300 25.67 4.85 -25.68
N GLY B 301 24.97 4.83 -26.81
CA GLY B 301 24.94 3.65 -27.65
C GLY B 301 24.01 2.55 -27.18
N PHE B 302 23.12 2.84 -26.24
CA PHE B 302 22.16 1.85 -25.74
C PHE B 302 20.96 1.74 -26.69
N THR B 303 20.25 0.62 -26.59
CA THR B 303 19.02 0.43 -27.34
C THR B 303 17.87 0.21 -26.36
N GLN B 304 16.77 0.93 -26.58
CA GLN B 304 15.58 0.79 -25.76
C GLN B 304 14.45 0.22 -26.62
N ILE B 305 13.81 -0.84 -26.12
CA ILE B 305 12.86 -1.65 -26.89
C ILE B 305 11.62 -1.89 -26.03
N LYS B 306 10.45 -1.66 -26.61
CA LYS B 306 9.17 -1.90 -25.94
C LYS B 306 8.41 -2.97 -26.71
N ILE B 307 8.06 -4.06 -26.01
CA ILE B 307 7.27 -5.16 -26.56
C ILE B 307 5.93 -5.21 -25.84
N THR B 308 4.85 -5.40 -26.57
CA THR B 308 3.57 -5.74 -25.96
C THR B 308 3.10 -7.11 -26.46
N GLY B 309 2.36 -7.81 -25.60
CA GLY B 309 1.81 -9.11 -25.93
C GLY B 309 1.12 -9.77 -24.76
N LYS B 310 1.10 -11.10 -24.73
CA LYS B 310 0.34 -11.81 -23.71
C LYS B 310 1.27 -12.80 -23.00
N VAL B 311 0.92 -13.10 -21.76
CA VAL B 311 1.64 -14.09 -20.96
C VAL B 311 0.61 -15.00 -20.29
N GLN B 312 0.92 -16.29 -20.26
CA GLN B 312 0.12 -17.25 -19.51
C GLN B 312 0.95 -17.81 -18.36
N THR B 313 0.32 -17.93 -17.19
CA THR B 313 0.96 -18.56 -16.05
C THR B 313 0.48 -20.00 -15.97
N PRO B 314 1.31 -20.95 -15.50
CA PRO B 314 0.84 -22.34 -15.43
C PRO B 314 -0.35 -22.53 -14.50
N TRP B 315 -0.66 -21.56 -13.63
CA TRP B 315 -1.83 -21.69 -12.78
C TRP B 315 -3.12 -21.72 -13.59
N PHE B 316 -3.16 -21.00 -14.72
CA PHE B 316 -4.37 -20.86 -15.52
C PHE B 316 -4.21 -21.24 -16.98
N GLY B 317 -2.98 -21.29 -17.51
CA GLY B 317 -2.81 -21.62 -18.91
C GLY B 317 -3.48 -20.60 -19.81
N ALA B 318 -4.12 -21.09 -20.87
CA ALA B 318 -4.80 -20.21 -21.80
C ALA B 318 -6.05 -19.55 -21.23
N GLY B 319 -6.55 -20.05 -20.09
CA GLY B 319 -7.75 -19.47 -19.51
C GLY B 319 -7.63 -17.99 -19.17
N VAL B 320 -6.42 -17.53 -18.84
CA VAL B 320 -6.21 -16.11 -18.53
C VAL B 320 -4.95 -15.61 -19.23
N GLY B 321 -5.11 -15.01 -20.41
CA GLY B 321 -3.97 -14.37 -21.05
C GLY B 321 -3.79 -12.95 -20.57
N MET B 322 -2.66 -12.65 -19.91
CA MET B 322 -2.45 -11.33 -19.30
C MET B 322 -1.78 -10.38 -20.30
N ASN B 323 -2.34 -9.17 -20.43
CA ASN B 323 -1.81 -8.13 -21.30
C ASN B 323 -0.57 -7.49 -20.68
N MET B 324 0.59 -7.71 -21.30
CA MET B 324 1.88 -7.34 -20.73
C MET B 324 2.61 -6.39 -21.65
N ALA B 325 3.47 -5.56 -21.05
CA ALA B 325 4.50 -4.86 -21.80
C ALA B 325 5.86 -5.23 -21.22
N TRP B 326 6.86 -5.26 -22.09
CA TRP B 326 8.26 -5.44 -21.73
C TRP B 326 9.01 -4.18 -22.17
N ARG B 327 9.85 -3.64 -21.29
CA ARG B 327 10.65 -2.46 -21.60
C ARG B 327 12.12 -2.81 -21.35
N PHE B 328 12.89 -2.97 -22.43
CA PHE B 328 14.28 -3.41 -22.38
C PHE B 328 15.23 -2.23 -22.55
N LEU B 329 16.29 -2.22 -21.75
CA LEU B 329 17.43 -1.32 -21.98
C LEU B 329 18.65 -2.18 -22.31
N ILE B 330 19.07 -2.16 -23.57
CA ILE B 330 20.13 -3.03 -24.08
C ILE B 330 21.38 -2.19 -24.26
N ASN B 331 22.52 -2.68 -23.72
CA ASN B 331 23.77 -1.93 -23.78
C ASN B 331 24.43 -2.12 -25.15
N PRO B 332 25.47 -1.33 -25.48
CA PRO B 332 25.98 -1.37 -26.87
C PRO B 332 26.64 -2.69 -27.26
N GLU B 333 26.96 -3.58 -26.32
CA GLU B 333 27.37 -4.94 -26.66
C GLU B 333 26.18 -5.91 -26.71
N GLY B 334 24.95 -5.41 -26.68
CA GLY B 334 23.79 -6.28 -26.79
C GLY B 334 23.35 -6.98 -25.51
N LYS B 335 23.93 -6.65 -24.36
CA LYS B 335 23.52 -7.23 -23.09
C LYS B 335 22.35 -6.45 -22.49
N ILE B 336 21.52 -7.15 -21.72
CA ILE B 336 20.38 -6.53 -21.05
C ILE B 336 20.90 -5.78 -19.82
N PHE B 337 20.82 -4.45 -19.85
CA PHE B 337 21.07 -3.65 -18.66
C PHE B 337 19.86 -3.64 -17.73
N PHE B 338 18.65 -3.54 -18.29
CA PHE B 338 17.44 -3.48 -17.50
C PHE B 338 16.25 -3.94 -18.36
N VAL B 339 15.34 -4.71 -17.75
CA VAL B 339 14.08 -5.07 -18.39
C VAL B 339 12.97 -4.95 -17.35
N ALA B 340 11.93 -4.21 -17.70
CA ALA B 340 10.74 -4.09 -16.86
C ALA B 340 9.57 -4.81 -17.51
N ILE B 341 8.82 -5.54 -16.70
CA ILE B 341 7.61 -6.21 -17.13
C ILE B 341 6.42 -5.57 -16.41
N ASP B 342 5.47 -5.07 -17.19
CA ASP B 342 4.33 -4.31 -16.68
C ASP B 342 3.03 -5.02 -17.04
N LEU B 343 2.14 -5.14 -16.05
CA LEU B 343 0.76 -5.51 -16.35
C LEU B 343 0.04 -4.27 -16.87
N LEU B 344 -0.54 -4.37 -18.06
CA LEU B 344 -1.08 -3.21 -18.74
C LEU B 344 -2.48 -2.86 -18.24
N ALA B 345 -2.79 -1.56 -18.21
CA ALA B 345 -4.07 -1.07 -17.71
C ALA B 345 -5.26 -1.61 -18.49
N SER B 346 -5.13 -1.80 -19.80
CA SER B 346 -6.26 -2.23 -20.61
C SER B 346 -5.75 -2.75 -21.95
N PRO B 347 -6.58 -3.50 -22.71
CA PRO B 347 -6.12 -3.99 -24.01
C PRO B 347 -5.67 -2.88 -24.95
N LYS B 348 -6.23 -1.68 -24.79
CA LYS B 348 -5.81 -0.54 -25.60
C LYS B 348 -4.32 -0.27 -25.51
N GLU B 349 -3.70 -0.62 -24.37
CA GLU B 349 -2.27 -0.37 -24.20
C GLU B 349 -1.41 -1.31 -25.03
N LEU B 350 -1.97 -2.42 -25.52
CA LEU B 350 -1.21 -3.30 -26.41
C LEU B 350 -0.76 -2.57 -27.66
N LEU B 351 -1.49 -1.55 -28.08
CA LEU B 351 -1.21 -0.82 -29.30
C LEU B 351 -0.54 0.52 -29.04
N ASN B 352 -0.05 0.78 -27.82
CA ASN B 352 0.50 2.09 -27.44
C ASN B 352 2.01 2.04 -27.48
N PHE B 353 2.61 2.72 -28.47
CA PHE B 353 4.06 2.77 -28.59
C PHE B 353 4.56 4.19 -28.75
#